data_8JUV
#
_entry.id   8JUV
#
_cell.length_a   72.315
_cell.length_b   72.315
_cell.length_c   168.492
_cell.angle_alpha   90.000
_cell.angle_beta   90.000
_cell.angle_gamma   120.000
#
_symmetry.space_group_name_H-M   'P 32 2 1'
#
loop_
_entity.id
_entity.type
_entity.pdbx_description
1 polymer 'LRR receptor-like serine/threonine-protein kinase FLS2'
2 non-polymer "ADENOSINE-5'-DIPHOSPHATE"
3 non-polymer 'MAGNESIUM ION'
4 water water
#
_entity_poly.entity_id   1
_entity_poly.type   'polypeptide(L)'
_entity_poly.pdbx_seq_one_letter_code
;(MSE)GSSHHHHHHSQGSPELRRFSYGQLAAATNSFDQGNVIGSSNLSTVYKGVLAGDADGG(MSE)VVAVKRLNLEQFP
SKSDKCFLTELATLSRLRHKNLARVVGYAWEAGKIKALVLDY(MSE)VNGDLDGAIHGGAAAPPPAPSRWTVRERLRVCV
SVAHGLVYLHSGYDFPVVHCAVKPSNVLLDGDWEARVSDFGTAR(MSE)LGVHLPAAANAAAQSTATSSAFRGTVGY
(MSE)APEFAY(MSE)RTVSTKVDVFSFGVLA(MSE)ELFTGRRPTGTIEEDGVPLTLQQLVDNAVSRGLDGVHAVLDPR
(MSE)KVATEADLSTAADVLAVALSCAAFEPADRPD(MSE)GAVLSSLLK(MSE)SKLVGED
;
_entity_poly.pdbx_strand_id   A
#
loop_
_chem_comp.id
_chem_comp.type
_chem_comp.name
_chem_comp.formula
ADP non-polymer ADENOSINE-5'-DIPHOSPHATE 'C10 H15 N5 O10 P2'
MG non-polymer 'MAGNESIUM ION' 'Mg 2'
#
# COMPACT_ATOMS: atom_id res chain seq x y z
N LEU A 17 0.68 2.70 -24.24
CA LEU A 17 1.41 3.70 -23.47
C LEU A 17 1.61 5.00 -24.25
N ARG A 18 0.72 5.96 -24.01
CA ARG A 18 0.78 7.25 -24.68
C ARG A 18 1.86 8.13 -24.07
N ARG A 19 2.59 8.86 -24.92
CA ARG A 19 3.54 9.85 -24.46
C ARG A 19 2.90 11.24 -24.58
N PHE A 20 3.06 12.04 -23.52
CA PHE A 20 2.47 13.37 -23.42
C PHE A 20 3.57 14.41 -23.34
N SER A 21 3.25 15.62 -23.80
CA SER A 21 4.15 16.76 -23.66
C SER A 21 3.86 17.51 -22.37
N TYR A 22 4.77 18.41 -22.01
CA TYR A 22 4.52 19.30 -20.88
C TYR A 22 3.23 20.08 -21.07
N GLY A 23 3.06 20.69 -22.25
CA GLY A 23 1.87 21.51 -22.48
C GLY A 23 0.58 20.73 -22.31
N GLN A 24 0.55 19.48 -22.77
CA GLN A 24 -0.66 18.68 -22.60
C GLN A 24 -0.96 18.44 -21.13
N LEU A 25 0.06 18.07 -20.34
CA LEU A 25 -0.19 17.79 -18.94
C LEU A 25 -0.45 19.08 -18.15
N ALA A 26 0.16 20.19 -18.56
CA ALA A 26 -0.17 21.48 -17.94
C ALA A 26 -1.64 21.82 -18.16
N ALA A 27 -2.12 21.63 -19.40
CA ALA A 27 -3.52 21.93 -19.69
C ALA A 27 -4.45 20.99 -18.94
N ALA A 28 -4.09 19.71 -18.86
CA ALA A 28 -4.93 18.74 -18.19
C ALA A 28 -5.06 19.04 -16.70
N THR A 29 -4.04 19.63 -16.09
CA THR A 29 -4.02 19.91 -14.66
C THR A 29 -4.29 21.36 -14.33
N ASN A 30 -4.76 22.15 -15.30
CA ASN A 30 -5.03 23.57 -15.10
C ASN A 30 -3.77 24.30 -14.66
N SER A 31 -2.69 24.09 -15.41
CA SER A 31 -1.36 24.66 -15.10
C SER A 31 -0.87 24.21 -13.72
N PHE A 32 -0.99 22.89 -13.47
CA PHE A 32 -0.54 22.30 -12.21
C PHE A 32 -1.03 23.10 -11.02
N ASP A 33 -2.32 23.44 -11.05
CA ASP A 33 -2.90 24.27 -10.00
C ASP A 33 -2.85 23.56 -8.65
N GLN A 34 -2.51 24.33 -7.61
CA GLN A 34 -2.46 23.83 -6.24
C GLN A 34 -3.76 23.13 -5.84
N GLY A 35 -4.90 23.60 -6.36
CA GLY A 35 -6.18 23.00 -6.04
C GLY A 35 -6.41 21.65 -6.68
N ASN A 36 -5.61 21.27 -7.67
CA ASN A 36 -5.70 19.93 -8.27
C ASN A 36 -4.79 18.91 -7.58
N VAL A 37 -4.07 19.31 -6.53
CA VAL A 37 -3.15 18.39 -5.88
C VAL A 37 -3.95 17.40 -5.04
N ILE A 38 -3.78 16.10 -5.33
CA ILE A 38 -4.46 15.02 -4.63
C ILE A 38 -3.49 14.14 -3.86
N GLY A 39 -2.19 14.43 -3.92
CA GLY A 39 -1.22 13.65 -3.20
C GLY A 39 0.12 14.33 -3.29
N SER A 40 0.97 14.04 -2.30
CA SER A 40 2.20 14.79 -2.13
C SER A 40 3.22 13.96 -1.35
N SER A 41 4.49 14.16 -1.70
CA SER A 41 5.61 13.62 -0.93
C SER A 41 6.82 14.48 -1.28
N ASN A 42 7.97 14.17 -0.65
CA ASN A 42 9.21 14.84 -1.01
C ASN A 42 9.57 14.60 -2.46
N LEU A 43 9.23 13.43 -3.00
CA LEU A 43 9.68 13.05 -4.33
C LEU A 43 8.67 13.34 -5.45
N SER A 44 7.39 13.51 -5.13
CA SER A 44 6.42 13.70 -6.20
C SER A 44 5.23 14.49 -5.70
N THR A 45 4.50 15.07 -6.65
CA THR A 45 3.21 15.68 -6.42
C THR A 45 2.23 15.06 -7.41
N VAL A 46 1.07 14.63 -6.93
CA VAL A 46 0.08 13.98 -7.78
C VAL A 46 -1.08 14.96 -7.97
N TYR A 47 -1.49 15.14 -9.23
CA TYR A 47 -2.54 16.07 -9.61
C TYR A 47 -3.69 15.32 -10.27
N LYS A 48 -4.91 15.78 -9.99
CA LYS A 48 -6.04 15.38 -10.81
C LYS A 48 -5.95 16.08 -12.15
N GLY A 49 -6.21 15.35 -13.23
CA GLY A 49 -6.19 15.93 -14.55
C GLY A 49 -7.34 15.42 -15.39
N VAL A 50 -7.63 16.18 -16.45
CA VAL A 50 -8.60 15.80 -17.47
C VAL A 50 -7.97 16.06 -18.83
N LEU A 51 -7.78 15.01 -19.62
CA LEU A 51 -7.13 15.10 -20.91
C LEU A 51 -7.98 15.88 -21.90
N GLY A 57 -9.74 12.28 -24.35
CA GLY A 57 -10.88 13.16 -24.56
C GLY A 57 -11.86 13.21 -23.39
N GLY A 58 -11.58 14.09 -22.43
CA GLY A 58 -12.34 14.15 -21.20
C GLY A 58 -12.01 13.09 -20.17
N MSE A 59 -11.09 12.17 -20.49
CA MSE A 59 -10.65 11.14 -19.54
C MSE A 59 -10.02 11.76 -18.30
O MSE A 59 -9.12 12.61 -18.42
CB MSE A 59 -9.66 10.20 -20.23
CG MSE A 59 -9.43 8.91 -19.49
SE MSE A 59 -7.88 7.93 -20.12
CE MSE A 59 -7.95 6.50 -18.77
N VAL A 60 -10.48 11.35 -17.12
CA VAL A 60 -9.93 11.83 -15.85
C VAL A 60 -8.73 10.97 -15.48
N VAL A 61 -7.64 11.60 -15.08
CA VAL A 61 -6.39 10.90 -14.81
C VAL A 61 -5.74 11.51 -13.57
N ALA A 62 -4.77 10.78 -13.03
CA ALA A 62 -3.85 11.30 -12.01
C ALA A 62 -2.50 11.53 -12.67
N VAL A 63 -1.92 12.70 -12.45
CA VAL A 63 -0.63 13.05 -13.03
C VAL A 63 0.37 13.08 -11.88
N LYS A 64 1.24 12.08 -11.84
CA LYS A 64 2.26 11.98 -10.80
C LYS A 64 3.53 12.60 -11.34
N ARG A 65 3.90 13.76 -10.83
CA ARG A 65 5.02 14.55 -11.35
C ARG A 65 6.19 14.50 -10.38
N LEU A 66 7.31 13.95 -10.85
CA LEU A 66 8.49 13.80 -10.02
C LEU A 66 9.16 15.14 -9.74
N ASN A 67 9.83 15.21 -8.59
CA ASN A 67 10.49 16.45 -8.17
C ASN A 67 11.91 16.50 -8.74
N LEU A 68 11.98 16.75 -10.05
CA LEU A 68 13.26 16.81 -10.76
C LEU A 68 14.16 17.89 -10.21
N GLU A 69 13.59 19.01 -9.79
CA GLU A 69 14.37 20.18 -9.44
C GLU A 69 15.12 19.97 -8.14
N GLN A 70 14.47 19.37 -7.15
CA GLN A 70 15.11 19.18 -5.85
C GLN A 70 15.85 17.86 -5.73
N PHE A 71 15.32 16.78 -6.33
CA PHE A 71 15.89 15.44 -6.14
C PHE A 71 16.06 14.75 -7.48
N PRO A 72 16.99 15.23 -8.31
CA PRO A 72 17.04 14.73 -9.69
C PRO A 72 17.40 13.27 -9.78
N SER A 73 18.34 12.82 -8.96
CA SER A 73 18.82 11.45 -9.07
C SER A 73 17.77 10.46 -8.57
N LYS A 74 17.17 10.72 -7.42
CA LYS A 74 16.13 9.83 -6.92
C LYS A 74 14.87 9.90 -7.78
N SER A 75 14.50 11.09 -8.25
CA SER A 75 13.41 11.22 -9.21
C SER A 75 13.61 10.28 -10.39
N ASP A 76 14.79 10.35 -11.02
CA ASP A 76 15.05 9.52 -12.19
C ASP A 76 14.88 8.03 -11.86
N LYS A 77 15.44 7.59 -10.74
CA LYS A 77 15.38 6.17 -10.41
C LYS A 77 13.94 5.72 -10.21
N CYS A 78 13.16 6.50 -9.46
CA CYS A 78 11.78 6.10 -9.18
C CYS A 78 10.92 6.21 -10.44
N PHE A 79 11.15 7.25 -11.25
CA PHE A 79 10.41 7.41 -12.50
C PHE A 79 10.64 6.22 -13.42
N LEU A 80 11.92 5.88 -13.67
CA LEU A 80 12.24 4.78 -14.57
C LEU A 80 11.74 3.45 -14.04
N THR A 81 11.92 3.21 -12.74
CA THR A 81 11.42 1.97 -12.14
C THR A 81 9.91 1.85 -12.31
N GLU A 82 9.17 2.89 -11.93
CA GLU A 82 7.72 2.79 -12.02
C GLU A 82 7.25 2.64 -13.46
N LEU A 83 7.83 3.41 -14.38
CA LEU A 83 7.45 3.33 -15.79
C LEU A 83 7.74 1.94 -16.37
N ALA A 84 8.96 1.44 -16.14
CA ALA A 84 9.31 0.14 -16.70
C ALA A 84 8.44 -0.98 -16.11
N THR A 85 8.18 -0.91 -14.81
CA THR A 85 7.42 -1.97 -14.15
C THR A 85 5.94 -1.88 -14.48
N LEU A 86 5.32 -0.75 -14.20
CA LEU A 86 3.88 -0.64 -14.33
C LEU A 86 3.43 -0.73 -15.78
N SER A 87 4.30 -0.38 -16.74
CA SER A 87 3.91 -0.51 -18.14
C SER A 87 3.81 -1.97 -18.60
N ARG A 88 4.48 -2.89 -17.92
CA ARG A 88 4.40 -4.30 -18.28
C ARG A 88 3.36 -5.10 -17.51
N LEU A 89 2.78 -4.54 -16.44
CA LEU A 89 1.89 -5.29 -15.58
C LEU A 89 0.43 -4.92 -15.86
N ARG A 90 -0.46 -5.88 -15.60
CA ARG A 90 -1.91 -5.69 -15.75
C ARG A 90 -2.61 -6.63 -14.79
N HIS A 91 -3.48 -6.08 -13.95
CA HIS A 91 -4.31 -6.89 -13.07
C HIS A 91 -5.33 -5.96 -12.44
N LYS A 92 -6.52 -6.50 -12.19
CA LYS A 92 -7.60 -5.65 -11.73
C LYS A 92 -7.33 -5.01 -10.37
N ASN A 93 -6.38 -5.54 -9.58
CA ASN A 93 -6.07 -4.96 -8.27
C ASN A 93 -4.72 -4.24 -8.28
N LEU A 94 -4.31 -3.76 -9.45
CA LEU A 94 -3.16 -2.89 -9.62
C LEU A 94 -3.61 -1.56 -10.21
N ALA A 95 -2.89 -0.50 -9.87
CA ALA A 95 -3.05 0.76 -10.58
C ALA A 95 -2.66 0.57 -12.06
N ARG A 96 -3.21 1.42 -12.92
CA ARG A 96 -2.99 1.32 -14.36
C ARG A 96 -2.34 2.59 -14.88
N VAL A 97 -1.25 2.42 -15.64
CA VAL A 97 -0.54 3.54 -16.27
C VAL A 97 -1.19 3.82 -17.63
N VAL A 98 -1.60 5.08 -17.84
CA VAL A 98 -2.14 5.54 -19.11
C VAL A 98 -1.02 5.99 -20.06
N GLY A 99 0.06 6.53 -19.51
CA GLY A 99 1.11 7.10 -20.31
C GLY A 99 2.07 7.85 -19.41
N TYR A 100 2.88 8.72 -20.03
CA TYR A 100 3.96 9.38 -19.30
C TYR A 100 4.38 10.63 -20.09
N ALA A 101 5.04 11.55 -19.39
CA ALA A 101 5.81 12.62 -20.01
C ALA A 101 7.27 12.46 -19.60
N TRP A 102 8.18 12.79 -20.53
CA TRP A 102 9.60 12.54 -20.32
C TRP A 102 10.38 13.63 -21.07
N GLU A 103 10.69 14.71 -20.35
CA GLU A 103 11.47 15.81 -20.92
C GLU A 103 12.50 16.17 -19.87
N ALA A 104 13.74 15.73 -20.07
CA ALA A 104 14.81 15.95 -19.09
C ALA A 104 14.88 17.43 -18.74
N GLY A 105 15.06 17.72 -17.45
CA GLY A 105 15.11 19.07 -16.96
C GLY A 105 13.79 19.84 -16.94
N LYS A 106 12.70 19.28 -17.49
CA LYS A 106 11.42 19.99 -17.53
C LYS A 106 10.31 19.20 -16.84
N ILE A 107 10.04 17.96 -17.26
CA ILE A 107 9.00 17.20 -16.58
C ILE A 107 9.26 15.71 -16.79
N LYS A 108 9.09 14.95 -15.72
CA LYS A 108 8.96 13.50 -15.80
C LYS A 108 7.74 13.12 -14.97
N ALA A 109 6.78 12.45 -15.61
CA ALA A 109 5.50 12.24 -14.95
C ALA A 109 4.86 10.97 -15.47
N LEU A 110 4.14 10.28 -14.58
CA LEU A 110 3.30 9.15 -14.92
C LEU A 110 1.86 9.65 -15.00
N VAL A 111 1.15 9.21 -16.02
CA VAL A 111 -0.27 9.47 -16.13
C VAL A 111 -0.98 8.17 -15.83
N LEU A 112 -1.78 8.18 -14.76
CA LEU A 112 -2.39 6.97 -14.23
C LEU A 112 -3.90 7.09 -14.26
N ASP A 113 -4.58 5.94 -14.28
CA ASP A 113 -6.03 5.95 -14.06
C ASP A 113 -6.33 6.63 -12.74
N TYR A 114 -7.33 7.49 -12.75
CA TYR A 114 -7.70 8.25 -11.56
C TYR A 114 -8.58 7.42 -10.64
N MSE A 115 -8.20 7.32 -9.37
CA MSE A 115 -8.97 6.60 -8.35
C MSE A 115 -9.72 7.57 -7.47
O MSE A 115 -9.13 8.22 -6.60
CB MSE A 115 -8.04 5.73 -7.49
CG MSE A 115 -7.14 4.80 -8.28
SE MSE A 115 -8.11 3.54 -9.41
CE MSE A 115 -8.78 2.36 -8.04
N VAL A 116 -11.04 7.67 -7.67
CA VAL A 116 -11.77 8.81 -7.15
C VAL A 116 -11.92 8.74 -5.62
N ASN A 117 -11.75 7.58 -5.00
CA ASN A 117 -11.92 7.50 -3.56
C ASN A 117 -10.60 7.50 -2.79
N GLY A 118 -9.51 7.99 -3.40
CA GLY A 118 -8.30 8.26 -2.64
C GLY A 118 -7.53 6.99 -2.25
N ASP A 119 -6.82 7.06 -1.13
CA ASP A 119 -5.99 5.94 -0.69
C ASP A 119 -6.46 5.40 0.66
N LEU A 120 -5.91 4.24 1.03
CA LEU A 120 -6.37 3.55 2.23
C LEU A 120 -5.92 4.27 3.49
N ASP A 121 -4.79 4.97 3.44
CA ASP A 121 -4.34 5.72 4.60
C ASP A 121 -5.36 6.79 4.99
N GLY A 122 -5.92 7.47 4.00
CA GLY A 122 -6.96 8.46 4.30
C GLY A 122 -8.25 7.80 4.74
N ALA A 123 -8.54 6.60 4.23
CA ALA A 123 -9.74 5.88 4.65
C ALA A 123 -9.65 5.45 6.11
N ILE A 124 -8.45 5.09 6.57
CA ILE A 124 -8.27 4.63 7.95
C ILE A 124 -8.16 5.81 8.90
N HIS A 125 -7.40 6.83 8.50
CA HIS A 125 -7.06 7.94 9.39
C HIS A 125 -7.74 9.23 8.97
N PRO A 135 -23.09 6.51 9.39
CA PRO A 135 -22.37 5.27 9.70
C PRO A 135 -21.15 5.06 8.79
N SER A 136 -19.99 4.78 9.38
CA SER A 136 -18.78 4.55 8.60
C SER A 136 -18.91 3.27 7.76
N ARG A 137 -18.52 3.36 6.49
CA ARG A 137 -18.59 2.19 5.63
C ARG A 137 -17.55 1.12 5.98
N TRP A 138 -16.56 1.43 6.83
CA TRP A 138 -15.43 0.51 7.05
C TRP A 138 -15.74 -0.48 8.18
N THR A 139 -16.71 -1.34 7.91
CA THR A 139 -17.01 -2.46 8.78
C THR A 139 -15.93 -3.53 8.66
N VAL A 140 -16.02 -4.54 9.53
CA VAL A 140 -15.08 -5.66 9.50
C VAL A 140 -15.11 -6.34 8.15
N ARG A 141 -16.31 -6.56 7.60
CA ARG A 141 -16.40 -7.24 6.32
C ARG A 141 -15.78 -6.41 5.19
N GLU A 142 -15.94 -5.08 5.24
CA GLU A 142 -15.38 -4.24 4.20
C GLU A 142 -13.87 -4.17 4.32
N ARG A 143 -13.33 -4.14 5.54
CA ARG A 143 -11.88 -4.16 5.71
C ARG A 143 -11.29 -5.49 5.27
N LEU A 144 -11.99 -6.60 5.55
CA LEU A 144 -11.56 -7.90 5.03
C LEU A 144 -11.57 -7.91 3.50
N ARG A 145 -12.56 -7.26 2.88
CA ARG A 145 -12.62 -7.21 1.42
C ARG A 145 -11.40 -6.49 0.85
N VAL A 146 -10.97 -5.39 1.48
CA VAL A 146 -9.76 -4.70 1.06
C VAL A 146 -8.56 -5.62 1.19
N CYS A 147 -8.50 -6.38 2.28
CA CYS A 147 -7.38 -7.30 2.47
C CYS A 147 -7.31 -8.31 1.34
N VAL A 148 -8.48 -8.83 0.92
CA VAL A 148 -8.55 -9.81 -0.16
C VAL A 148 -8.14 -9.17 -1.48
N SER A 149 -8.62 -7.96 -1.74
CA SER A 149 -8.28 -7.27 -2.98
C SER A 149 -6.78 -7.00 -3.07
N VAL A 150 -6.17 -6.52 -1.98
CA VAL A 150 -4.73 -6.28 -1.98
C VAL A 150 -3.97 -7.60 -2.15
N ALA A 151 -4.42 -8.66 -1.48
CA ALA A 151 -3.76 -9.96 -1.62
C ALA A 151 -3.76 -10.45 -3.06
N HIS A 152 -4.90 -10.28 -3.77
CA HIS A 152 -4.93 -10.61 -5.19
C HIS A 152 -3.89 -9.82 -5.98
N GLY A 153 -3.75 -8.52 -5.70
CA GLY A 153 -2.75 -7.74 -6.39
C GLY A 153 -1.35 -8.27 -6.15
N LEU A 154 -1.06 -8.66 -4.90
CA LEU A 154 0.28 -9.11 -4.54
C LEU A 154 0.55 -10.52 -5.04
N VAL A 155 -0.47 -11.40 -5.06
CA VAL A 155 -0.28 -12.69 -5.72
C VAL A 155 0.08 -12.49 -7.18
N TYR A 156 -0.61 -11.56 -7.86
CA TYR A 156 -0.28 -11.29 -9.26
C TYR A 156 1.16 -10.82 -9.39
N LEU A 157 1.58 -9.84 -8.57
CA LEU A 157 2.96 -9.36 -8.63
C LEU A 157 3.95 -10.50 -8.45
N HIS A 158 3.71 -11.37 -7.48
CA HIS A 158 4.72 -12.36 -7.13
C HIS A 158 4.76 -13.53 -8.09
N SER A 159 3.64 -13.84 -8.75
CA SER A 159 3.66 -15.01 -9.63
C SER A 159 2.79 -14.90 -10.87
N GLY A 160 2.06 -13.80 -11.08
CA GLY A 160 1.22 -13.71 -12.27
C GLY A 160 1.93 -13.25 -13.52
N TYR A 161 3.11 -12.64 -13.39
CA TYR A 161 3.86 -12.17 -14.54
C TYR A 161 5.00 -13.15 -14.84
N ASP A 162 5.71 -12.88 -15.93
CA ASP A 162 6.79 -13.77 -16.37
C ASP A 162 7.93 -13.83 -15.36
N PHE A 163 8.12 -12.78 -14.57
CA PHE A 163 9.10 -12.75 -13.49
C PHE A 163 8.41 -12.24 -12.24
N PRO A 164 8.87 -12.66 -11.05
CA PRO A 164 8.33 -12.08 -9.80
C PRO A 164 8.66 -10.60 -9.70
N VAL A 165 7.68 -9.81 -9.30
CA VAL A 165 7.86 -8.39 -9.01
C VAL A 165 7.63 -8.18 -7.53
N VAL A 166 8.62 -7.61 -6.84
CA VAL A 166 8.50 -7.31 -5.42
C VAL A 166 8.24 -5.82 -5.28
N HIS A 167 7.12 -5.47 -4.64
CA HIS A 167 6.68 -4.07 -4.65
C HIS A 167 7.60 -3.21 -3.78
N CYS A 168 7.89 -3.67 -2.57
CA CYS A 168 8.86 -3.12 -1.60
C CYS A 168 8.35 -1.90 -0.84
N ALA A 169 7.12 -1.42 -1.09
CA ALA A 169 6.57 -0.32 -0.32
C ALA A 169 5.08 -0.52 -0.07
N VAL A 170 4.67 -1.75 0.26
CA VAL A 170 3.27 -2.01 0.56
C VAL A 170 2.91 -1.31 1.87
N LYS A 171 1.83 -0.53 1.84
CA LYS A 171 1.38 0.26 2.99
C LYS A 171 0.10 0.97 2.55
N PRO A 172 -0.74 1.46 3.49
CA PRO A 172 -2.06 1.97 3.08
C PRO A 172 -2.00 3.15 2.13
N SER A 173 -0.99 4.01 2.21
CA SER A 173 -0.99 5.11 1.27
C SER A 173 -0.62 4.68 -0.15
N ASN A 174 -0.20 3.42 -0.33
CA ASN A 174 0.06 2.87 -1.66
C ASN A 174 -1.04 1.90 -2.09
N VAL A 175 -2.22 2.04 -1.50
CA VAL A 175 -3.41 1.32 -1.91
C VAL A 175 -4.48 2.34 -2.24
N LEU A 176 -4.94 2.35 -3.48
CA LEU A 176 -5.93 3.30 -3.94
C LEU A 176 -7.32 2.65 -3.99
N LEU A 177 -8.35 3.49 -3.97
CA LEU A 177 -9.74 3.04 -3.94
C LEU A 177 -10.51 3.55 -5.15
N ASP A 178 -11.04 2.61 -5.93
CA ASP A 178 -12.02 2.73 -7.02
C ASP A 178 -13.25 3.54 -6.69
N GLY A 179 -14.03 3.89 -7.72
CA GLY A 179 -15.38 4.35 -7.51
C GLY A 179 -16.30 3.30 -6.94
N ASP A 180 -15.97 2.02 -7.11
CA ASP A 180 -16.63 0.91 -6.42
C ASP A 180 -15.95 0.52 -5.12
N TRP A 181 -15.04 1.36 -4.62
CA TRP A 181 -14.26 1.08 -3.40
C TRP A 181 -13.44 -0.21 -3.53
N GLU A 182 -13.06 -0.58 -4.75
CA GLU A 182 -12.16 -1.70 -4.97
C GLU A 182 -10.73 -1.21 -4.84
N ALA A 183 -9.92 -1.96 -4.08
CA ALA A 183 -8.56 -1.58 -3.76
C ALA A 183 -7.61 -1.94 -4.90
N ARG A 184 -6.56 -1.15 -5.03
CA ARG A 184 -5.56 -1.38 -6.07
C ARG A 184 -4.20 -0.98 -5.55
N VAL A 185 -3.25 -1.90 -5.69
CA VAL A 185 -1.87 -1.62 -5.31
C VAL A 185 -1.29 -0.62 -6.30
N SER A 186 -0.69 0.45 -5.77
CA SER A 186 -0.15 1.53 -6.59
C SER A 186 1.27 1.85 -6.13
N ASP A 187 1.90 2.79 -6.85
CA ASP A 187 3.22 3.32 -6.56
C ASP A 187 4.31 2.26 -6.73
N PHE A 188 4.79 2.11 -7.96
CA PHE A 188 5.83 1.12 -8.24
C PHE A 188 7.21 1.74 -8.33
N GLY A 189 7.40 2.90 -7.69
CA GLY A 189 8.70 3.57 -7.71
C GLY A 189 9.82 2.80 -7.02
N THR A 190 9.50 1.77 -6.24
CA THR A 190 10.52 0.98 -5.55
C THR A 190 10.47 -0.48 -5.94
N ALA A 191 9.71 -0.84 -6.98
CA ALA A 191 9.54 -2.24 -7.32
C ALA A 191 10.84 -2.82 -7.85
N ARG A 192 11.02 -4.11 -7.63
CA ARG A 192 12.14 -4.90 -8.13
C ARG A 192 11.60 -6.07 -8.91
N MSE A 193 12.16 -6.32 -10.09
CA MSE A 193 11.78 -7.52 -10.82
C MSE A 193 12.91 -8.53 -10.67
O MSE A 193 14.04 -8.25 -11.04
CB MSE A 193 11.54 -7.20 -12.29
CG MSE A 193 11.10 -8.42 -13.11
SE MSE A 193 10.49 -8.01 -14.91
CE MSE A 193 9.20 -6.61 -14.55
N LEU A 194 12.61 -9.70 -10.12
CA LEU A 194 13.65 -10.71 -9.88
C LEU A 194 13.88 -11.51 -11.17
N GLY A 195 15.14 -11.55 -11.63
CA GLY A 195 15.46 -12.24 -12.87
C GLY A 195 16.10 -11.38 -13.95
N SER A 212 7.51 8.11 22.93
CA SER A 212 6.91 8.17 21.60
C SER A 212 7.36 7.01 20.72
N SER A 213 7.45 7.26 19.41
CA SER A 213 7.53 6.20 18.42
C SER A 213 8.92 5.55 18.35
N ALA A 214 8.93 4.29 17.88
CA ALA A 214 10.15 3.50 17.74
C ALA A 214 10.70 3.55 16.31
N PHE A 215 9.86 3.34 15.31
CA PHE A 215 10.19 3.53 13.90
C PHE A 215 9.22 4.55 13.33
N ARG A 216 9.71 5.67 12.81
CA ARG A 216 8.70 6.54 12.26
C ARG A 216 8.68 6.47 10.74
N GLY A 217 7.62 7.06 10.18
CA GLY A 217 7.42 7.05 8.75
C GLY A 217 7.23 5.65 8.21
N THR A 218 7.96 5.38 7.14
CA THR A 218 7.82 4.16 6.36
C THR A 218 8.41 2.93 7.05
N VAL A 219 9.27 3.12 8.06
CA VAL A 219 10.12 2.02 8.54
C VAL A 219 9.28 0.92 9.17
N GLY A 220 8.18 1.28 9.83
CA GLY A 220 7.37 0.28 10.50
C GLY A 220 6.75 -0.77 9.59
N TYR A 221 6.65 -0.47 8.28
CA TYR A 221 6.07 -1.43 7.33
C TYR A 221 7.11 -2.39 6.79
N MSE A 222 8.39 -2.19 7.10
CA MSE A 222 9.46 -2.87 6.40
C MSE A 222 9.97 -4.14 7.10
O MSE A 222 10.25 -4.12 8.30
CB MSE A 222 10.62 -1.91 6.22
CG MSE A 222 10.29 -0.73 5.36
SE MSE A 222 11.82 0.36 5.09
CE MSE A 222 10.92 1.73 4.04
N ALA A 223 10.06 -5.21 6.34
CA ALA A 223 10.70 -6.41 6.84
C ALA A 223 12.08 -6.06 7.39
N PRO A 224 12.47 -6.61 8.54
CA PRO A 224 13.81 -6.28 9.09
C PRO A 224 14.96 -6.50 8.10
N GLU A 225 14.96 -7.61 7.35
CA GLU A 225 16.05 -7.84 6.40
C GLU A 225 16.05 -6.81 5.27
N PHE A 226 14.88 -6.26 4.92
CA PHE A 226 14.82 -5.21 3.90
C PHE A 226 15.27 -3.87 4.48
N ALA A 227 14.79 -3.51 5.67
CA ALA A 227 15.20 -2.25 6.30
C ALA A 227 16.70 -2.21 6.59
N TYR A 228 17.26 -3.31 7.13
CA TYR A 228 18.64 -3.29 7.61
C TYR A 228 19.65 -3.63 6.52
N MSE A 229 19.31 -4.54 5.62
CA MSE A 229 20.27 -5.08 4.66
C MSE A 229 19.85 -4.87 3.20
O MSE A 229 20.56 -5.25 2.28
CB MSE A 229 20.43 -6.57 4.90
CG MSE A 229 21.62 -6.96 5.70
SE MSE A 229 21.76 -8.87 5.54
CE MSE A 229 19.91 -9.36 5.67
N ARG A 230 18.66 -4.29 3.01
CA ARG A 230 18.06 -4.13 1.68
C ARG A 230 17.94 -5.46 0.94
N THR A 231 17.70 -6.53 1.67
CA THR A 231 17.41 -7.82 1.04
C THR A 231 16.01 -7.82 0.44
N VAL A 232 15.89 -8.29 -0.80
CA VAL A 232 14.62 -8.21 -1.51
C VAL A 232 14.21 -9.62 -1.89
N SER A 233 13.05 -10.06 -1.40
CA SER A 233 12.41 -11.29 -1.84
C SER A 233 10.91 -11.02 -1.76
N THR A 234 10.11 -11.93 -2.34
CA THR A 234 8.66 -11.74 -2.22
C THR A 234 8.21 -11.73 -0.76
N LYS A 235 8.99 -12.33 0.14
CA LYS A 235 8.67 -12.34 1.57
C LYS A 235 8.69 -10.95 2.19
N VAL A 236 9.36 -9.96 1.58
CA VAL A 236 9.31 -8.64 2.21
C VAL A 236 7.95 -8.01 1.97
N ASP A 237 7.29 -8.31 0.83
CA ASP A 237 5.92 -7.85 0.63
C ASP A 237 4.97 -8.55 1.58
N VAL A 238 5.19 -9.85 1.83
CA VAL A 238 4.34 -10.57 2.78
C VAL A 238 4.38 -9.89 4.15
N PHE A 239 5.58 -9.49 4.59
CA PHE A 239 5.71 -8.83 5.88
C PHE A 239 4.91 -7.53 5.89
N SER A 240 5.11 -6.71 4.86
CA SER A 240 4.41 -5.42 4.78
C SER A 240 2.90 -5.62 4.69
N PHE A 241 2.44 -6.67 3.99
CA PHE A 241 1.02 -6.96 3.96
C PHE A 241 0.50 -7.25 5.37
N GLY A 242 1.22 -8.04 6.16
CA GLY A 242 0.80 -8.28 7.53
C GLY A 242 0.67 -6.99 8.33
N VAL A 243 1.66 -6.11 8.23
CA VAL A 243 1.60 -4.85 8.96
C VAL A 243 0.42 -4.00 8.50
N LEU A 244 0.15 -3.99 7.19
CA LEU A 244 -0.97 -3.23 6.65
C LEU A 244 -2.29 -3.73 7.23
N ALA A 245 -2.48 -5.06 7.26
CA ALA A 245 -3.71 -5.61 7.82
C ALA A 245 -3.86 -5.24 9.29
N MSE A 246 -2.76 -5.25 10.03
CA MSE A 246 -2.77 -4.88 11.45
C MSE A 246 -3.22 -3.44 11.64
O MSE A 246 -4.07 -3.14 12.49
CB MSE A 246 -1.38 -5.10 12.03
CG MSE A 246 -1.06 -6.58 12.23
SE MSE A 246 0.63 -6.83 13.11
CE MSE A 246 1.01 -8.62 12.40
N GLU A 247 -2.64 -2.53 10.83
CA GLU A 247 -3.07 -1.13 10.86
C GLU A 247 -4.53 -0.99 10.43
N LEU A 248 -4.93 -1.71 9.38
CA LEU A 248 -6.31 -1.61 8.90
C LEU A 248 -7.29 -1.99 9.99
N PHE A 249 -6.94 -2.97 10.84
CA PHE A 249 -7.89 -3.45 11.84
C PHE A 249 -7.70 -2.80 13.22
N THR A 250 -6.52 -2.27 13.55
CA THR A 250 -6.33 -1.60 14.83
C THR A 250 -6.49 -0.10 14.74
N GLY A 251 -6.39 0.47 13.54
CA GLY A 251 -6.33 1.90 13.40
C GLY A 251 -5.01 2.52 13.75
N ARG A 252 -3.98 1.71 14.07
CA ARG A 252 -2.70 2.20 14.56
C ARG A 252 -1.61 2.14 13.48
N ARG A 253 -0.94 3.26 13.25
CA ARG A 253 0.25 3.25 12.39
C ARG A 253 1.33 2.40 13.05
N PRO A 254 2.15 1.72 12.26
CA PRO A 254 3.15 0.80 12.82
C PRO A 254 4.40 1.48 13.35
N THR A 255 4.26 2.68 13.91
CA THR A 255 5.42 3.38 14.45
C THR A 255 5.95 2.73 15.73
N GLY A 256 5.11 1.97 16.44
CA GLY A 256 5.53 1.38 17.70
C GLY A 256 5.66 2.46 18.78
N THR A 257 6.02 2.02 19.98
CA THR A 257 6.28 2.96 21.06
C THR A 257 7.47 2.49 21.88
N ILE A 258 8.26 3.44 22.35
CA ILE A 258 9.34 3.16 23.28
C ILE A 258 8.79 3.29 24.69
N GLU A 259 8.79 2.18 25.42
CA GLU A 259 8.30 2.17 26.79
C GLU A 259 9.35 2.77 27.73
N GLU A 260 9.00 2.86 29.02
CA GLU A 260 9.79 3.66 29.96
C GLU A 260 11.15 3.04 30.28
N ASP A 261 11.31 1.74 30.11
CA ASP A 261 12.61 1.10 30.21
C ASP A 261 13.38 1.14 28.90
N GLY A 262 12.89 1.90 27.91
CA GLY A 262 13.59 2.04 26.64
C GLY A 262 13.40 0.90 25.65
N VAL A 263 12.52 -0.05 25.94
CA VAL A 263 12.27 -1.19 25.05
C VAL A 263 11.13 -0.83 24.11
N PRO A 264 11.30 -1.01 22.79
CA PRO A 264 10.21 -0.69 21.86
C PRO A 264 9.14 -1.77 21.88
N LEU A 265 7.88 -1.32 21.80
CA LEU A 265 6.72 -2.19 21.63
C LEU A 265 6.21 -1.98 20.22
N THR A 266 6.51 -2.92 19.33
CA THR A 266 6.06 -2.81 17.94
C THR A 266 4.56 -3.07 17.85
N LEU A 267 3.98 -2.68 16.72
CA LEU A 267 2.59 -3.01 16.46
C LEU A 267 2.40 -4.52 16.40
N GLN A 268 3.37 -5.24 15.83
CA GLN A 268 3.28 -6.71 15.80
C GLN A 268 3.19 -7.30 17.21
N GLN A 269 4.00 -6.80 18.15
CA GLN A 269 4.00 -7.34 19.51
C GLN A 269 2.71 -7.00 20.25
N LEU A 270 2.20 -5.78 20.04
CA LEU A 270 0.90 -5.40 20.56
C LEU A 270 -0.19 -6.36 20.08
N VAL A 271 -0.24 -6.61 18.77
CA VAL A 271 -1.24 -7.52 18.23
C VAL A 271 -0.99 -8.94 18.74
N ASP A 272 0.28 -9.36 18.82
CA ASP A 272 0.59 -10.69 19.33
C ASP A 272 0.08 -10.87 20.76
N ASN A 273 0.29 -9.86 21.63
CA ASN A 273 -0.24 -9.95 22.98
C ASN A 273 -1.76 -10.04 22.98
N ALA A 274 -2.43 -9.21 22.17
CA ALA A 274 -3.89 -9.20 22.13
C ALA A 274 -4.44 -10.55 21.66
N VAL A 275 -3.92 -11.06 20.55
CA VAL A 275 -4.38 -12.34 20.01
C VAL A 275 -4.20 -13.47 21.03
N SER A 276 -3.08 -13.47 21.75
CA SER A 276 -2.83 -14.53 22.72
C SER A 276 -3.79 -14.50 23.90
N ARG A 277 -4.50 -13.37 24.10
CA ARG A 277 -5.51 -13.25 25.15
C ARG A 277 -6.93 -13.47 24.62
N GLY A 278 -7.08 -14.13 23.48
CA GLY A 278 -8.40 -14.54 23.03
C GLY A 278 -9.20 -13.40 22.44
N LEU A 279 -10.51 -13.67 22.28
CA LEU A 279 -11.39 -12.73 21.58
C LEU A 279 -11.52 -11.42 22.34
N ASP A 280 -11.54 -11.46 23.67
CA ASP A 280 -11.63 -10.22 24.43
C ASP A 280 -10.33 -9.43 24.35
N GLY A 281 -9.19 -10.13 24.30
CA GLY A 281 -7.94 -9.43 24.03
C GLY A 281 -7.94 -8.76 22.67
N VAL A 282 -8.40 -9.46 21.63
CA VAL A 282 -8.46 -8.87 20.29
C VAL A 282 -9.37 -7.65 20.30
N HIS A 283 -10.54 -7.76 20.95
CA HIS A 283 -11.52 -6.67 20.95
C HIS A 283 -10.89 -5.38 21.46
N ALA A 284 -10.09 -5.48 22.53
CA ALA A 284 -9.48 -4.32 23.14
C ALA A 284 -8.49 -3.60 22.23
N VAL A 285 -7.95 -4.29 21.21
CA VAL A 285 -6.95 -3.69 20.34
C VAL A 285 -7.54 -3.22 19.00
N LEU A 286 -8.78 -3.58 18.69
CA LEU A 286 -9.37 -3.20 17.42
C LEU A 286 -9.65 -1.70 17.36
N ASP A 287 -9.64 -1.17 16.13
CA ASP A 287 -9.97 0.21 15.82
C ASP A 287 -11.25 0.65 16.54
N PRO A 288 -11.15 1.58 17.50
CA PRO A 288 -12.35 2.02 18.22
C PRO A 288 -13.43 2.62 17.33
N ARG A 289 -13.09 3.12 16.14
CA ARG A 289 -14.09 3.70 15.26
C ARG A 289 -14.81 2.66 14.41
N MSE A 290 -14.45 1.39 14.55
CA MSE A 290 -15.02 0.28 13.78
C MSE A 290 -16.10 -0.44 14.57
O MSE A 290 -15.91 -0.75 15.76
CB MSE A 290 -13.90 -0.70 13.41
CG MSE A 290 -14.35 -1.93 12.62
SE MSE A 290 -12.81 -2.95 12.11
CE MSE A 290 -12.32 -3.66 13.93
N LYS A 291 -17.22 -0.71 13.91
CA LYS A 291 -18.33 -1.44 14.53
C LYS A 291 -17.90 -2.88 14.80
N VAL A 292 -17.86 -3.27 16.07
CA VAL A 292 -17.56 -4.65 16.45
C VAL A 292 -18.64 -5.07 17.45
N ALA A 293 -19.75 -5.57 16.94
CA ALA A 293 -20.91 -5.89 17.77
C ALA A 293 -21.29 -7.36 17.73
N THR A 294 -21.14 -8.03 16.59
CA THR A 294 -21.50 -9.43 16.52
C THR A 294 -20.29 -10.30 16.84
N GLU A 295 -20.58 -11.53 17.29
CA GLU A 295 -19.49 -12.49 17.47
C GLU A 295 -18.77 -12.73 16.14
N ALA A 296 -19.52 -12.73 15.04
CA ALA A 296 -18.91 -13.02 13.73
C ALA A 296 -17.90 -11.95 13.34
N ASP A 297 -18.22 -10.69 13.55
CA ASP A 297 -17.27 -9.62 13.22
C ASP A 297 -16.02 -9.68 14.09
N LEU A 298 -16.18 -9.96 15.38
CA LEU A 298 -14.99 -10.04 16.24
C LEU A 298 -14.14 -11.24 15.85
N SER A 299 -14.77 -12.38 15.60
CA SER A 299 -14.08 -13.59 15.19
C SER A 299 -13.33 -13.42 13.88
N THR A 300 -13.95 -12.76 12.90
CA THR A 300 -13.27 -12.50 11.64
C THR A 300 -12.06 -11.60 11.85
N ALA A 301 -12.23 -10.52 12.61
CA ALA A 301 -11.11 -9.64 12.93
C ALA A 301 -9.98 -10.42 13.61
N ALA A 302 -10.33 -11.28 14.56
CA ALA A 302 -9.30 -12.11 15.21
C ALA A 302 -8.56 -12.97 14.21
N ASP A 303 -9.30 -13.56 13.24
CA ASP A 303 -8.67 -14.42 12.23
C ASP A 303 -7.76 -13.63 11.30
N VAL A 304 -8.14 -12.40 10.94
CA VAL A 304 -7.26 -11.59 10.11
C VAL A 304 -5.95 -11.29 10.84
N LEU A 305 -6.06 -10.90 12.12
CA LEU A 305 -4.88 -10.54 12.88
C LEU A 305 -3.96 -11.75 13.05
N ALA A 306 -4.53 -12.95 13.15
CA ALA A 306 -3.70 -14.13 13.29
C ALA A 306 -2.96 -14.43 11.99
N VAL A 307 -3.64 -14.26 10.85
CA VAL A 307 -2.94 -14.33 9.55
C VAL A 307 -1.89 -13.23 9.45
N ALA A 308 -2.25 -12.00 9.85
CA ALA A 308 -1.30 -10.89 9.77
C ALA A 308 -0.05 -11.16 10.57
N LEU A 309 -0.19 -11.83 11.73
CA LEU A 309 0.98 -12.14 12.56
C LEU A 309 1.90 -13.14 11.86
N SER A 310 1.34 -14.15 11.20
CA SER A 310 2.18 -15.07 10.42
C SER A 310 2.88 -14.35 9.28
N CYS A 311 2.17 -13.45 8.60
CA CYS A 311 2.81 -12.65 7.55
C CYS A 311 4.00 -11.87 8.08
N ALA A 312 3.90 -11.33 9.30
CA ALA A 312 4.90 -10.42 9.84
C ALA A 312 5.90 -11.14 10.76
N ALA A 313 6.09 -12.44 10.57
CA ALA A 313 7.09 -13.17 11.35
C ALA A 313 8.49 -12.60 11.09
N PHE A 314 9.36 -12.68 12.10
CA PHE A 314 10.68 -12.06 11.98
C PHE A 314 11.50 -12.73 10.88
N GLU A 315 11.50 -14.06 10.84
CA GLU A 315 12.29 -14.79 9.86
C GLU A 315 11.52 -14.91 8.56
N PRO A 316 12.12 -14.53 7.41
CA PRO A 316 11.38 -14.62 6.15
C PRO A 316 10.86 -16.02 5.87
N ALA A 317 11.66 -17.05 6.19
CA ALA A 317 11.26 -18.42 5.90
C ALA A 317 10.04 -18.87 6.69
N ASP A 318 9.74 -18.22 7.83
CA ASP A 318 8.54 -18.54 8.58
C ASP A 318 7.30 -17.85 8.03
N ARG A 319 7.45 -16.93 7.08
CA ARG A 319 6.28 -16.26 6.54
C ARG A 319 5.64 -17.11 5.45
N PRO A 320 4.32 -17.09 5.33
CA PRO A 320 3.68 -17.79 4.21
C PRO A 320 3.91 -17.03 2.91
N ASP A 321 3.66 -17.72 1.80
CA ASP A 321 3.58 -17.03 0.52
C ASP A 321 2.21 -16.37 0.39
N MSE A 322 2.10 -15.39 -0.50
CA MSE A 322 0.81 -14.70 -0.64
C MSE A 322 -0.35 -15.60 -1.09
O MSE A 322 -1.50 -15.31 -0.76
CB MSE A 322 0.91 -13.52 -1.60
CG MSE A 322 1.70 -12.34 -1.03
SE MSE A 322 0.97 -11.75 0.67
CE MSE A 322 -0.86 -11.40 0.17
N GLY A 323 -0.05 -16.67 -1.85
CA GLY A 323 -1.12 -17.58 -2.23
C GLY A 323 -1.77 -18.26 -1.03
N ALA A 324 -0.95 -18.66 -0.06
CA ALA A 324 -1.47 -19.23 1.18
C ALA A 324 -2.23 -18.19 1.99
N VAL A 325 -1.72 -16.95 2.00
CA VAL A 325 -2.43 -15.86 2.66
C VAL A 325 -3.79 -15.64 2.01
N LEU A 326 -3.80 -15.54 0.68
CA LEU A 326 -5.06 -15.35 -0.04
C LEU A 326 -6.04 -16.48 0.29
N SER A 327 -5.56 -17.71 0.34
CA SER A 327 -6.41 -18.86 0.64
C SER A 327 -7.08 -18.70 2.01
N SER A 328 -6.30 -18.28 3.01
CA SER A 328 -6.87 -18.06 4.34
C SER A 328 -7.94 -16.97 4.33
N LEU A 329 -7.67 -15.87 3.64
CA LEU A 329 -8.63 -14.78 3.61
C LEU A 329 -9.89 -15.15 2.82
N LEU A 330 -9.74 -15.95 1.76
CA LEU A 330 -10.90 -16.39 1.00
C LEU A 330 -11.78 -17.34 1.82
N LYS A 331 -11.16 -18.18 2.65
CA LYS A 331 -11.93 -19.05 3.52
C LYS A 331 -12.73 -18.24 4.54
N MSE A 332 -12.15 -17.15 5.03
CA MSE A 332 -12.84 -16.34 6.02
C MSE A 332 -13.95 -15.51 5.36
O MSE A 332 -14.87 -15.08 6.04
CB MSE A 332 -11.88 -15.41 6.76
CG MSE A 332 -10.81 -16.10 7.63
SE MSE A 332 -9.28 -14.88 7.81
CE MSE A 332 -10.36 -13.37 7.72
N SER A 333 -13.85 -15.31 4.05
CA SER A 333 -14.84 -14.46 3.39
C SER A 333 -16.18 -15.16 3.21
N LYS A 334 -16.20 -16.49 3.14
CA LYS A 334 -17.47 -17.22 3.03
C LYS A 334 -18.27 -17.22 4.34
PB ADP B . 4.83 8.93 -3.72
O1B ADP B . 5.60 10.23 -3.89
O2B ADP B . 5.58 7.80 -4.41
O3B ADP B . 4.31 8.66 -2.34
PA ADP B . 2.37 7.96 -4.67
O1A ADP B . 2.36 7.34 -6.06
O2A ADP B . 2.48 7.05 -3.44
O3A ADP B . 3.49 9.09 -4.60
O5' ADP B . 1.05 8.89 -4.52
C5' ADP B . 0.91 9.79 -3.43
C4' ADP B . -0.57 9.96 -3.14
O4' ADP B . -1.23 10.51 -4.29
C3' ADP B . -1.30 8.64 -2.90
O3' ADP B . -1.18 8.16 -1.57
C2' ADP B . -2.72 8.99 -3.27
O2' ADP B . -3.32 9.70 -2.20
C1' ADP B . -2.55 9.96 -4.43
N9 ADP B . -2.61 9.18 -5.69
C8 ADP B . -1.58 8.54 -6.28
N7 ADP B . -1.99 7.93 -7.42
C5 ADP B . -3.30 8.19 -7.58
C6 ADP B . -4.34 7.84 -8.57
N6 ADP B . -4.05 7.07 -9.64
N1 ADP B . -5.59 8.31 -8.37
C2 ADP B . -5.89 9.07 -7.30
N3 ADP B . -5.00 9.40 -6.37
C4 ADP B . -3.71 9.02 -6.44
MG MG C . 6.80 6.35 -3.22
#